data_1EHZ
#
_entry.id   1EHZ
#
_cell.length_a   54.981
_cell.length_b   33.389
_cell.length_c   61.921
_cell.angle_alpha   90.00
_cell.angle_beta   90.20
_cell.angle_gamma   90.00
#
_symmetry.space_group_name_H-M   'P 1 21 1'
#
loop_
_entity.id
_entity.type
_entity.pdbx_description
1 polymer 'TRANSFER RNA (PHE)'
2 non-polymer 'MAGNESIUM ION'
3 non-polymer 'MANGANESE (II) ION'
4 water water
#
_entity_poly.entity_id   1
_entity_poly.type   'polyribonucleotide'
_entity_poly.pdbx_seq_one_letter_code
;GCGGAUUUA(2MG)CUCAG(H2U)(H2U)GGGAGAGC(M2G)CCAGA(OMC)U(OMG)AA(YYG)A(PSU)(5MC)UGGA
G(7MG)UC(5MC)UGUG(5MU)(PSU)CG(1MA)UCCACAGAAUUCGCACCA
;
_entity_poly.pdbx_strand_id   A
#
loop_
_chem_comp.id
_chem_comp.type
_chem_comp.name
_chem_comp.formula
1MA RNA linking 6-HYDRO-1-METHYLADENOSINE-5'-MONOPHOSPHATE 'C11 H16 N5 O7 P'
2MG RNA linking 2N-METHYLGUANOSINE-5'-MONOPHOSPHATE 'C11 H16 N5 O8 P'
5MC RNA linking 5-METHYLCYTIDINE-5'-MONOPHOSPHATE 'C10 H16 N3 O8 P'
5MU RNA linking '5-METHYLURIDINE 5'-MONOPHOSPHATE' 'C10 H15 N2 O9 P'
7MG RNA linking 7N-METHYL-8-HYDROGUANOSINE-5'-MONOPHOSPHATE 'C11 H18 N5 O8 P'
A RNA linking ADENOSINE-5'-MONOPHOSPHATE 'C10 H14 N5 O7 P'
C RNA linking CYTIDINE-5'-MONOPHOSPHATE 'C9 H14 N3 O8 P'
G RNA linking GUANOSINE-5'-MONOPHOSPHATE 'C10 H14 N5 O8 P'
H2U RNA linking 5,6-DIHYDROURIDINE-5'-MONOPHOSPHATE 'C9 H15 N2 O9 P'
M2G RNA linking N2-DIMETHYLGUANOSINE-5'-MONOPHOSPHATE 'C12 H18 N5 O8 P'
MG non-polymer 'MAGNESIUM ION' 'Mg 2'
MN non-polymer 'MANGANESE (II) ION' 'Mn 2'
OMC RNA linking O2'-METHYLYCYTIDINE-5'-MONOPHOSPHATE 'C10 H16 N3 O8 P'
OMG RNA linking O2'-METHYLGUANOSINE-5'-MONOPHOSPHATE 'C11 H16 N5 O8 P'
PSU RNA linking PSEUDOURIDINE-5'-MONOPHOSPHATE 'C9 H13 N2 O9 P'
U RNA linking URIDINE-5'-MONOPHOSPHATE 'C9 H13 N2 O9 P'
YYG RNA linking '4-(3-[5-O-PHOSPHONORIBOFURANOSYL]-4,6-DIMETHYL-8-OXO-4,8-DIHYDRO-3H-1,3,4,5,7A-PENTAAZA-S-INDACEN-YLAMINO-BUTYRIC ACID METHYL ESTER' 'C21 H29 N6 O12 P'
#
# COMPACT_ATOMS: atom_id res chain seq x y z
P 2MG A 10 -3.27 -10.75 -0.30
OP1 2MG A 10 -1.90 -11.37 -0.27
OP2 2MG A 10 -4.28 -11.20 -1.26
O5' 2MG A 10 -3.94 -10.74 1.15
C5' 2MG A 10 -4.39 -12.00 1.76
C4' 2MG A 10 -4.22 -11.94 3.25
O4' 2MG A 10 -2.83 -11.61 3.54
C3' 2MG A 10 -5.02 -10.83 3.89
O3' 2MG A 10 -6.31 -11.31 4.23
C2' 2MG A 10 -4.19 -10.49 5.11
O2' 2MG A 10 -4.45 -11.48 6.10
C1' 2MG A 10 -2.77 -10.65 4.58
N9 2MG A 10 -2.14 -9.44 4.02
C8 2MG A 10 -1.53 -9.34 2.79
N7 2MG A 10 -1.07 -8.14 2.54
C5 2MG A 10 -1.40 -7.40 3.66
C6 2MG A 10 -1.17 -6.02 3.97
O6 2MG A 10 -0.56 -5.16 3.31
N1 2MG A 10 -1.71 -5.68 5.20
C2 2MG A 10 -2.35 -6.57 6.05
N2 2MG A 10 -2.81 -6.08 7.19
CM2 2MG A 10 -3.35 -7.01 8.21
N3 2MG A 10 -2.52 -7.84 5.80
C4 2MG A 10 -2.05 -8.19 4.60
P H2U A 16 -12.66 7.38 -9.66
OP1 H2U A 16 -13.61 8.30 -8.98
OP2 H2U A 16 -13.05 5.97 -9.89
O5' H2U A 16 -12.24 8.06 -11.04
C5' H2U A 16 -10.89 8.60 -11.18
C4' H2U A 16 -9.95 7.53 -11.74
O4' H2U A 16 -10.33 6.28 -11.13
C3' H2U A 16 -10.13 7.33 -13.23
O3' H2U A 16 -9.11 8.11 -13.90
C1' H2U A 16 -10.28 5.24 -12.08
C2' H2U A 16 -9.84 5.83 -13.42
O2' H2U A 16 -8.47 5.56 -13.69
N1 H2U A 16 -11.54 4.43 -11.90
C2 H2U A 16 -11.56 3.42 -10.97
O2 H2U A 16 -10.69 3.25 -10.13
N3 H2U A 16 -12.66 2.59 -11.01
C4 H2U A 16 -13.92 2.94 -11.40
O4 H2U A 16 -14.84 2.12 -11.35
C5 H2U A 16 -14.10 4.37 -11.80
C6 H2U A 16 -12.84 4.94 -12.48
P H2U A 17 -9.06 9.72 -13.76
OP1 H2U A 17 -7.78 10.06 -13.08
OP2 H2U A 17 -10.33 10.34 -13.26
O5' H2U A 17 -8.93 10.16 -15.28
C5' H2U A 17 -9.48 9.29 -16.31
C4' H2U A 17 -10.71 9.92 -16.90
O4' H2U A 17 -10.39 11.25 -17.33
C3' H2U A 17 -11.30 9.17 -18.08
O3' H2U A 17 -12.32 8.31 -17.55
C1' H2U A 17 -10.73 11.39 -18.68
C2' H2U A 17 -11.81 10.32 -18.95
O2' H2U A 17 -13.07 10.81 -18.53
N1 H2U A 17 -9.42 11.34 -19.41
C2 H2U A 17 -9.23 12.14 -20.50
O2 H2U A 17 -9.91 12.09 -21.51
N3 H2U A 17 -8.16 12.99 -20.41
C4 H2U A 17 -7.36 13.20 -19.30
O4 H2U A 17 -6.60 14.18 -19.27
C5 H2U A 17 -7.49 12.19 -18.20
C6 H2U A 17 -8.21 10.95 -18.69
P M2G A 26 1.72 -1.42 11.97
OP1 M2G A 26 2.15 -1.54 13.42
OP2 M2G A 26 2.59 -0.70 11.01
O5' M2G A 26 1.57 -2.92 11.44
C5' M2G A 26 0.59 -3.79 12.00
C4' M2G A 26 0.50 -5.05 11.18
O4' M2G A 26 -0.12 -4.80 9.89
C3' M2G A 26 1.82 -5.71 10.86
O3' M2G A 26 2.20 -6.57 11.93
C2' M2G A 26 1.48 -6.54 9.64
O2' M2G A 26 0.79 -7.72 10.01
C1' M2G A 26 0.51 -5.60 8.91
N9 M2G A 26 1.21 -4.75 7.96
C8 M2G A 26 1.59 -3.42 8.10
N7 M2G A 26 2.26 -2.98 7.09
C5 M2G A 26 2.30 -4.05 6.20
C6 M2G A 26 2.88 -4.19 4.91
O6 M2G A 26 3.53 -3.36 4.24
N1 M2G A 26 2.68 -5.46 4.38
C2 M2G A 26 2.01 -6.47 5.00
N2 M2G A 26 1.90 -7.65 4.35
N3 M2G A 26 1.45 -6.35 6.21
C4 M2G A 26 1.64 -5.14 6.74
CM1 M2G A 26 2.32 -7.82 2.95
CM2 M2G A 26 1.27 -8.81 5.05
N1 OMC A 32 17.65 3.79 15.57
C2 OMC A 32 16.61 2.98 16.09
N3 OMC A 32 16.68 1.63 15.94
C4 OMC A 32 17.74 1.09 15.30
C5 OMC A 32 18.78 1.88 14.75
C6 OMC A 32 18.70 3.21 14.91
O2 OMC A 32 15.66 3.52 16.68
N4 OMC A 32 17.79 -0.26 15.19
C1' OMC A 32 17.60 5.25 15.77
C2' OMC A 32 18.31 5.69 17.06
O2' OMC A 32 17.57 6.73 17.66
CM2 OMC A 32 16.68 6.15 18.58
C3' OMC A 32 19.67 6.14 16.51
C4' OMC A 32 19.30 6.75 15.17
O4' OMC A 32 18.23 5.89 14.67
O3' OMC A 32 20.33 7.06 17.37
C5' OMC A 32 20.42 6.82 14.15
O5' OMC A 32 21.07 5.56 14.05
P OMC A 32 21.96 5.21 12.77
OP1 OMC A 32 23.08 6.17 12.68
OP2 OMC A 32 22.25 3.76 12.80
P OMG A 34 22.44 4.58 23.43
OP1 OMG A 34 22.73 5.13 24.79
OP2 OMG A 34 23.29 4.99 22.26
O5' OMG A 34 22.37 2.99 23.51
C5' OMG A 34 23.56 2.17 23.59
C4' OMG A 34 23.27 0.94 24.39
O4' OMG A 34 22.96 1.30 25.77
C3' OMG A 34 22.06 0.16 23.92
O3' OMG A 34 22.41 -0.70 22.83
C2' OMG A 34 21.52 -0.52 25.20
O2' OMG A 34 21.98 -1.83 25.61
CM2 OMG A 34 23.39 -1.95 25.57
C1' OMG A 34 21.88 0.51 26.26
N9 OMG A 34 20.79 1.38 26.69
C8 OMG A 34 20.71 2.75 26.55
N7 OMG A 34 19.66 3.26 27.15
C5 OMG A 34 19.00 2.17 27.69
C6 OMG A 34 17.80 2.10 28.45
O6 OMG A 34 17.05 3.03 28.81
N1 OMG A 34 17.47 0.78 28.79
C2 OMG A 34 18.20 -0.34 28.42
N2 OMG A 34 17.71 -1.55 28.80
N3 OMG A 34 19.33 -0.29 27.70
C4 OMG A 34 19.66 0.99 27.38
P YYG A 37 11.13 -1.74 18.92
OP1 YYG A 37 10.60 -2.91 18.14
OP2 YYG A 37 12.15 -0.86 18.30
O5' YYG A 37 9.91 -0.82 19.40
C5' YYG A 37 8.83 -1.36 20.19
C4' YYG A 37 8.06 -0.23 20.85
O4' YYG A 37 8.88 0.40 21.87
C3' YYG A 37 7.68 0.90 19.92
O3' YYG A 37 6.53 0.67 19.13
C2' YYG A 37 7.51 2.08 20.88
O2' YYG A 37 6.26 2.13 21.52
C1' YYG A 37 8.62 1.80 21.91
N9 YYG A 37 9.85 2.54 21.58
C8 YYG A 37 11.00 2.01 21.05
N7 YYG A 37 11.93 2.91 20.83
C5 YYG A 37 11.35 4.10 21.25
C6 YYG A 37 11.88 5.42 21.26
O6 YYG A 37 13.00 5.80 20.90
N1 YYG A 37 10.95 6.35 21.73
C2 YYG A 37 9.69 6.04 22.14
N2 YYG A 37 8.96 7.12 22.49
N3 YYG A 37 9.19 4.82 22.18
C3 YYG A 37 7.83 4.55 22.68
C4 YYG A 37 10.07 3.90 21.71
C10 YYG A 37 9.30 9.58 22.10
C11 YYG A 37 9.73 8.19 22.10
C12 YYG A 37 11.07 7.71 21.70
C13 YYG A 37 12.30 8.63 21.48
C14 YYG A 37 12.85 8.91 22.90
C15 YYG A 37 14.39 8.99 23.10
C16 YYG A 37 14.49 9.28 24.59
O17 YYG A 37 14.20 8.38 25.39
O18 YYG A 37 14.86 10.42 25.02
C19 YYG A 37 16.20 10.86 24.74
N20 YYG A 37 15.05 7.68 22.71
C21 YYG A 37 16.39 7.36 22.90
O22 YYG A 37 16.73 6.34 23.54
O23 YYG A 37 17.26 8.12 22.42
C24 YYG A 37 17.26 8.33 21.01
N1 PSU A 39 9.52 5.02 14.78
C2 PSU A 39 10.86 4.94 14.40
N3 PSU A 39 11.47 6.14 14.18
C4 PSU A 39 10.91 7.39 14.28
C5 PSU A 39 9.53 7.40 14.67
C6 PSU A 39 8.91 6.24 14.90
O2 PSU A 39 11.44 3.88 14.28
O4 PSU A 39 11.60 8.39 14.05
C1' PSU A 39 8.80 8.73 14.80
C2' PSU A 39 8.44 9.33 13.43
O2' PSU A 39 8.54 10.74 13.48
C3' PSU A 39 7.03 8.82 13.26
C4' PSU A 39 6.46 8.91 14.65
O3' PSU A 39 6.25 9.56 12.34
O4' PSU A 39 7.58 8.52 15.49
C5' PSU A 39 5.28 8.03 14.90
O5' PSU A 39 5.60 6.67 14.55
P PSU A 39 4.74 5.46 15.14
OP1 PSU A 39 3.37 5.55 14.57
OP2 PSU A 39 5.52 4.20 14.98
P 5MC A 40 5.97 8.95 10.89
OP1 5MC A 40 5.04 9.87 10.17
OP2 5MC A 40 5.58 7.53 11.10
O5' 5MC A 40 7.39 8.98 10.17
C5' 5MC A 40 8.04 10.22 9.82
C4' 5MC A 40 9.44 9.97 9.33
O4' 5MC A 40 10.24 9.34 10.39
C3' 5MC A 40 9.58 9.02 8.15
O3' 5MC A 40 9.36 9.67 6.91
C2' 5MC A 40 11.00 8.49 8.29
O2' 5MC A 40 11.97 9.34 7.72
C1' 5MC A 40 11.17 8.44 9.81
N1 5MC A 40 10.88 7.07 10.31
C2 5MC A 40 11.87 6.09 10.18
O2 5MC A 40 12.96 6.39 9.68
N3 5MC A 40 11.60 4.84 10.62
C4 5MC A 40 10.42 4.56 11.15
N4 5MC A 40 10.22 3.30 11.57
C5 5MC A 40 9.39 5.53 11.27
C6 5MC A 40 9.67 6.77 10.85
CM5 5MC A 40 8.04 5.19 11.83
P 7MG A 46 1.78 -11.06 -5.27
OP1 7MG A 46 1.36 -12.48 -5.43
OP2 7MG A 46 2.79 -10.49 -6.19
O5' 7MG A 46 0.45 -10.17 -5.35
C5' 7MG A 46 -0.68 -10.47 -4.51
C4' 7MG A 46 -1.96 -10.15 -5.24
O4' 7MG A 46 -2.07 -8.69 -5.39
C3' 7MG A 46 -2.03 -10.73 -6.65
O3' 7MG A 46 -3.35 -11.18 -6.90
C2' 7MG A 46 -1.67 -9.53 -7.53
O2' 7MG A 46 -2.13 -9.55 -8.87
C1' 7MG A 46 -2.31 -8.37 -6.74
N9 7MG A 46 -1.77 -7.03 -7.01
C8 7MG A 46 -0.70 -6.68 -7.79
N7 7MG A 46 -0.45 -5.38 -7.72
C5 7MG A 46 -1.43 -4.87 -6.89
C6 7MG A 46 -1.68 -3.53 -6.48
O6 7MG A 46 -1.10 -2.52 -6.87
N1 7MG A 46 -2.74 -3.45 -5.61
C2 7MG A 46 -3.50 -4.53 -5.19
N2 7MG A 46 -4.45 -4.35 -4.29
N3 7MG A 46 -3.32 -5.76 -5.62
C4 7MG A 46 -2.26 -5.86 -6.44
CM7 7MG A 46 0.64 -4.69 -8.42
P 5MC A 49 -12.75 -6.90 -8.78
OP1 5MC A 49 -13.45 -6.52 -10.08
OP2 5MC A 49 -13.27 -6.35 -7.52
O5' 5MC A 49 -12.91 -8.49 -8.74
C5' 5MC A 49 -12.25 -9.31 -7.74
C4' 5MC A 49 -12.83 -10.71 -7.80
O4' 5MC A 49 -14.18 -10.75 -7.23
C3' 5MC A 49 -13.04 -11.22 -9.23
O3' 5MC A 49 -11.83 -11.76 -9.74
C2' 5MC A 49 -14.13 -12.26 -9.05
O2' 5MC A 49 -13.48 -13.40 -8.55
C1' 5MC A 49 -15.02 -11.59 -8.00
N1 5MC A 49 -16.05 -10.74 -8.65
C2 5MC A 49 -17.10 -11.38 -9.37
O2 5MC A 49 -17.15 -12.65 -9.40
N3 5MC A 49 -18.02 -10.64 -10.01
C4 5MC A 49 -17.99 -9.31 -9.92
N4 5MC A 49 -18.99 -8.66 -10.50
C5 5MC A 49 -16.96 -8.62 -9.22
C6 5MC A 49 -16.00 -9.38 -8.59
CM5 5MC A 49 -16.95 -7.09 -9.14
N1 5MU A 54 -15.59 -3.98 -26.23
C2 5MU A 54 -15.11 -3.13 -25.27
N3 5MU A 54 -14.01 -3.60 -24.60
C4 5MU A 54 -13.38 -4.80 -24.77
C5 5MU A 54 -13.95 -5.66 -25.77
C5M 5MU A 54 -13.30 -7.00 -26.05
C6 5MU A 54 -15.02 -5.22 -26.43
O2 5MU A 54 -15.62 -2.05 -25.03
O4 5MU A 54 -12.39 -5.08 -24.06
C1' 5MU A 54 -16.71 -3.51 -27.08
C2' 5MU A 54 -16.20 -2.61 -28.23
O2' 5MU A 54 -17.14 -1.59 -28.50
C3' 5MU A 54 -16.08 -3.62 -29.38
C4' 5MU A 54 -17.28 -4.52 -29.12
O3' 5MU A 54 -16.11 -3.02 -30.71
O4' 5MU A 54 -17.32 -4.63 -27.66
C5' 5MU A 54 -17.26 -5.90 -29.72
O5' 5MU A 54 -16.12 -6.60 -29.29
P 5MU A 54 -15.72 -8.01 -29.89
OP1 5MU A 54 -16.22 -8.17 -31.32
OP2 5MU A 54 -14.28 -8.26 -29.59
N1 PSU A 55 -11.51 -4.63 -28.11
C2 PSU A 55 -10.64 -4.97 -27.12
N3 PSU A 55 -10.27 -3.94 -26.28
C4 PSU A 55 -10.63 -2.59 -26.40
C5 PSU A 55 -11.48 -2.31 -27.51
C6 PSU A 55 -11.91 -3.31 -28.28
O2 PSU A 55 -10.18 -6.11 -27.01
O4 PSU A 55 -10.19 -1.75 -25.59
C1' PSU A 55 -11.86 -0.85 -27.78
C2' PSU A 55 -10.93 -0.15 -28.78
O2' PSU A 55 -10.93 1.24 -28.42
C3' PSU A 55 -11.67 -0.40 -30.09
C4' PSU A 55 -13.11 -0.18 -29.66
O3' PSU A 55 -11.29 0.44 -31.21
O4' PSU A 55 -13.17 -0.76 -28.32
C5' PSU A 55 -14.14 -0.81 -30.56
O5' PSU A 55 -13.75 -2.17 -30.93
P PSU A 55 -14.80 -3.14 -31.64
OP1 PSU A 55 -15.12 -2.52 -32.95
OP2 PSU A 55 -14.21 -4.53 -31.64
P 1MA A 58 -7.48 -4.34 -23.25
OP1 1MA A 58 -6.81 -5.52 -22.64
OP2 1MA A 58 -8.67 -4.51 -24.10
O5' 1MA A 58 -7.99 -3.26 -22.17
C5' 1MA A 58 -7.10 -2.80 -21.11
C4' 1MA A 58 -7.89 -2.51 -19.83
O4' 1MA A 58 -9.04 -1.72 -20.24
C3' 1MA A 58 -8.46 -3.72 -19.05
O3' 1MA A 58 -8.68 -3.38 -17.68
C2' 1MA A 58 -9.87 -3.82 -19.61
O2' 1MA A 58 -10.82 -4.41 -18.73
C1' 1MA A 58 -10.23 -2.33 -19.78
N9 1MA A 58 -11.33 -1.98 -20.69
C8 1MA A 58 -11.79 -2.67 -21.79
N7 1MA A 58 -12.78 -2.08 -22.43
C5 1MA A 58 -13.00 -0.93 -21.70
C6 1MA A 58 -13.91 0.13 -21.86
N6 1MA A 58 -14.80 0.18 -22.82
N1 1MA A 58 -13.84 1.16 -20.97
CM1 1MA A 58 -14.70 2.34 -21.11
C2 1MA A 58 -12.95 1.10 -19.98
N3 1MA A 58 -12.04 0.16 -19.72
C4 1MA A 58 -12.11 -0.84 -20.63
MG MG B . 12.10 1.62 17.74
MN MN C . -6.60 5.80 -15.06
MG MG D . -29.48 -10.62 -5.11
MN MN E . -34.72 -16.01 -1.02
MG MG F . 0.28 -0.81 -18.13
MG MG G . -10.33 -7.30 1.16
MG MG H . 6.22 2.18 6.59
MG MG I . -14.76 0.00 -1.41
MN MN J . -13.47 1.51 -5.83
#